data_5TMT
#
_entry.id   5TMT
#
_cell.length_a   54.878
_cell.length_b   82.220
_cell.length_c   58.576
_cell.angle_alpha   90.000
_cell.angle_beta   110.140
_cell.angle_gamma   90.000
#
_symmetry.space_group_name_H-M   'P 1 21 1'
#
loop_
_entity.id
_entity.type
_entity.pdbx_description
1 polymer 'Estrogen receptor'
2 polymer 'Nuclear receptor coactivator 2'
3 non-polymer "4,4'-[(1,3-dihydro-2H-inden-2-ylidene)methylene]diphenol"
4 water water
#
loop_
_entity_poly.entity_id
_entity_poly.type
_entity_poly.pdbx_seq_one_letter_code
_entity_poly.pdbx_strand_id
1 'polypeptide(L)'
;IKRSKKNSLALSLTADQMVSALLDAEPPILYSEYDPTRPFSEASMMGLLTNLADRELVHMINWAKRVPGFVDLTLHDQVH
LLECAWLEILMIGLVWRSMEHPGKLLFAPNLLLDRNQGKCVEGMVEIFDMLLATSSRFRMMNLQGEEFVCLKSIILLNSG
VYTFLSSTLKSLEEKDHIHRVLDKITDTLIHLMAKAGLTLQQQHQRLAQLLLILSHIRHMSNKGMEHLYSMKCKNVVPLS
DLLLEMLDAHRLHAPTS
;
A,B
2 'polypeptide(L)' KHKILHRLLQDSS C,D
#
# COMPACT_ATOMS: atom_id res chain seq x y z
N SER A 8 -6.41 -26.75 13.92
CA SER A 8 -6.76 -25.50 13.25
C SER A 8 -6.68 -25.70 11.73
N LEU A 9 -7.88 -25.81 11.12
CA LEU A 9 -8.02 -26.37 9.79
C LEU A 9 -7.14 -25.68 8.75
N ALA A 10 -7.04 -24.34 8.82
CA ALA A 10 -6.43 -23.59 7.73
C ALA A 10 -5.00 -24.03 7.45
N LEU A 11 -4.22 -24.29 8.50
CA LEU A 11 -2.81 -24.63 8.32
C LEU A 11 -2.59 -26.04 7.77
N SER A 12 -3.62 -26.88 7.76
CA SER A 12 -3.51 -28.24 7.22
C SER A 12 -4.04 -28.36 5.81
N LEU A 13 -4.59 -27.29 5.25
CA LEU A 13 -5.19 -27.35 3.91
C LEU A 13 -4.13 -27.39 2.82
N THR A 14 -4.39 -28.16 1.79
CA THR A 14 -3.54 -28.18 0.61
C THR A 14 -3.86 -26.98 -0.28
N ALA A 15 -2.97 -26.72 -1.24
CA ALA A 15 -3.15 -25.59 -2.14
C ALA A 15 -4.47 -25.70 -2.90
N ASP A 16 -4.81 -26.90 -3.36
CA ASP A 16 -6.06 -27.09 -4.09
C ASP A 16 -7.26 -26.98 -3.16
N GLN A 17 -7.14 -27.48 -1.93
CA GLN A 17 -8.21 -27.30 -0.96
C GLN A 17 -8.37 -25.83 -0.59
N MET A 18 -7.26 -25.09 -0.53
CA MET A 18 -7.32 -23.67 -0.25
C MET A 18 -8.05 -22.92 -1.37
N VAL A 19 -7.73 -23.22 -2.63
CA VAL A 19 -8.40 -22.57 -3.75
C VAL A 19 -9.90 -22.87 -3.72
N SER A 20 -10.25 -24.14 -3.56
CA SER A 20 -11.67 -24.53 -3.54
C SER A 20 -12.39 -23.87 -2.37
N ALA A 21 -11.75 -23.78 -1.21
CA ALA A 21 -12.38 -23.14 -0.05
C ALA A 21 -12.66 -21.67 -0.34
N LEU A 22 -11.73 -20.99 -1.01
CA LEU A 22 -11.93 -19.57 -1.31
C LEU A 22 -12.97 -19.36 -2.40
N LEU A 23 -12.94 -20.20 -3.44
CA LEU A 23 -13.92 -20.07 -4.51
C LEU A 23 -15.34 -20.31 -4.01
N ASP A 24 -15.53 -21.33 -3.17
CA ASP A 24 -16.87 -21.64 -2.67
C ASP A 24 -17.39 -20.53 -1.75
N ALA A 25 -16.50 -19.78 -1.12
CA ALA A 25 -16.88 -18.70 -0.21
C ALA A 25 -17.12 -17.38 -0.91
N GLU A 26 -17.11 -17.36 -2.24
CA GLU A 26 -17.22 -16.11 -2.97
C GLU A 26 -18.57 -15.46 -2.72
N PRO A 27 -18.61 -14.16 -2.44
CA PRO A 27 -19.90 -13.48 -2.27
C PRO A 27 -20.59 -13.32 -3.61
N PRO A 28 -21.91 -13.14 -3.61
CA PRO A 28 -22.62 -12.92 -4.87
C PRO A 28 -22.43 -11.51 -5.38
N ILE A 29 -22.71 -11.34 -6.67
CA ILE A 29 -22.70 -10.04 -7.30
C ILE A 29 -24.10 -9.45 -7.19
N LEU A 30 -24.20 -8.32 -6.49
CA LEU A 30 -25.49 -7.70 -6.21
C LEU A 30 -25.87 -6.71 -7.30
N TYR A 31 -27.16 -6.40 -7.35
CA TYR A 31 -27.68 -5.37 -8.24
C TYR A 31 -27.86 -4.07 -7.47
N SER A 32 -27.78 -2.96 -8.19
CA SER A 32 -28.08 -1.66 -7.62
C SER A 32 -29.53 -1.30 -7.90
N GLU A 33 -29.95 -0.12 -7.44
CA GLU A 33 -31.29 0.40 -7.70
C GLU A 33 -31.29 1.39 -8.85
N TYR A 34 -30.35 1.26 -9.78
CA TYR A 34 -30.19 2.24 -10.84
C TYR A 34 -31.34 2.15 -11.85
N ASP A 35 -31.77 3.31 -12.33
CA ASP A 35 -32.85 3.42 -13.31
C ASP A 35 -32.38 4.35 -14.41
N PRO A 36 -32.12 3.86 -15.62
CA PRO A 36 -31.64 4.75 -16.68
C PRO A 36 -32.65 5.83 -17.07
N THR A 37 -33.93 5.57 -16.88
CA THR A 37 -34.94 6.61 -17.14
C THR A 37 -34.90 7.70 -16.08
N ARG A 38 -34.55 7.35 -14.86
CA ARG A 38 -34.52 8.32 -13.78
C ARG A 38 -33.35 9.28 -13.99
N PRO A 39 -33.57 10.59 -13.92
CA PRO A 39 -32.48 11.54 -14.18
C PRO A 39 -31.35 11.39 -13.17
N PHE A 40 -30.12 11.39 -13.70
CA PHE A 40 -28.94 11.26 -12.86
C PHE A 40 -28.69 12.56 -12.09
N SER A 41 -27.70 12.54 -11.22
CA SER A 41 -27.37 13.70 -10.39
C SER A 41 -25.95 13.52 -9.84
N GLU A 42 -25.63 14.27 -8.79
CA GLU A 42 -24.37 14.10 -8.07
C GLU A 42 -24.57 13.58 -6.66
N ALA A 43 -25.80 13.46 -6.19
CA ALA A 43 -26.12 12.92 -4.88
C ALA A 43 -26.78 11.55 -4.94
N SER A 44 -27.62 11.30 -5.96
CA SER A 44 -28.30 10.01 -6.05
C SER A 44 -27.36 8.92 -6.54
N MET A 45 -26.43 9.26 -7.44
CA MET A 45 -25.49 8.27 -7.94
C MET A 45 -24.60 7.74 -6.82
N MET A 46 -24.07 8.64 -5.99
CA MET A 46 -23.35 8.21 -4.79
C MET A 46 -24.29 7.54 -3.80
N GLY A 47 -25.56 7.95 -3.78
CA GLY A 47 -26.54 7.25 -2.98
C GLY A 47 -26.75 5.82 -3.45
N LEU A 48 -26.72 5.60 -4.77
CA LEU A 48 -26.80 4.25 -5.30
C LEU A 48 -25.58 3.43 -4.90
N LEU A 49 -24.39 4.04 -4.95
CA LEU A 49 -23.17 3.32 -4.59
C LEU A 49 -23.12 3.06 -3.09
N THR A 50 -23.58 4.02 -2.28
CA THR A 50 -23.60 3.84 -0.84
C THR A 50 -24.54 2.69 -0.45
N ASN A 51 -25.77 2.71 -0.99
CA ASN A 51 -26.71 1.63 -0.73
C ASN A 51 -26.14 0.28 -1.17
N LEU A 52 -25.40 0.28 -2.29
CA LEU A 52 -24.82 -0.96 -2.80
C LEU A 52 -23.71 -1.46 -1.89
N ALA A 53 -22.80 -0.56 -1.49
CA ALA A 53 -21.71 -0.97 -0.61
C ALA A 53 -22.24 -1.50 0.72
N ASP A 54 -23.33 -0.92 1.22
CA ASP A 54 -23.87 -1.32 2.51
C ASP A 54 -24.41 -2.74 2.47
N ARG A 55 -25.07 -3.12 1.38
CA ARG A 55 -25.52 -4.50 1.23
C ARG A 55 -24.37 -5.45 0.95
N GLU A 56 -23.34 -4.99 0.23
CA GLU A 56 -22.17 -5.82 -0.01
C GLU A 56 -21.42 -6.13 1.28
N LEU A 57 -21.37 -5.17 2.21
CA LEU A 57 -20.70 -5.38 3.48
C LEU A 57 -21.27 -6.57 4.25
N VAL A 58 -22.57 -6.80 4.15
CA VAL A 58 -23.18 -7.92 4.87
C VAL A 58 -22.69 -9.24 4.30
N HIS A 59 -22.55 -9.33 2.98
CA HIS A 59 -21.99 -10.55 2.39
C HIS A 59 -20.50 -10.65 2.64
N MET A 60 -19.79 -9.51 2.63
CA MET A 60 -18.35 -9.53 2.88
C MET A 60 -18.04 -10.12 4.25
N ILE A 61 -18.84 -9.79 5.26
CA ILE A 61 -18.62 -10.31 6.60
C ILE A 61 -18.75 -11.83 6.62
N ASN A 62 -19.79 -12.36 5.97
CA ASN A 62 -19.96 -13.81 5.91
C ASN A 62 -18.88 -14.47 5.06
N TRP A 63 -18.41 -13.78 4.01
CA TRP A 63 -17.27 -14.27 3.25
C TRP A 63 -16.02 -14.38 4.12
N ALA A 64 -15.82 -13.38 5.00
CA ALA A 64 -14.60 -13.35 5.80
C ALA A 64 -14.53 -14.52 6.77
N LYS A 65 -15.68 -14.90 7.35
CA LYS A 65 -15.69 -16.01 8.29
C LYS A 65 -15.41 -17.34 7.62
N ARG A 66 -15.52 -17.42 6.30
CA ARG A 66 -15.18 -18.62 5.55
C ARG A 66 -13.76 -18.57 4.98
N VAL A 67 -13.03 -17.48 5.21
CA VAL A 67 -11.63 -17.39 4.83
C VAL A 67 -10.83 -18.22 5.80
N PRO A 68 -10.15 -19.29 5.34
CA PRO A 68 -9.41 -20.17 6.27
C PRO A 68 -8.45 -19.42 7.18
N GLY A 69 -8.63 -19.59 8.49
CA GLY A 69 -7.81 -18.94 9.50
C GLY A 69 -8.44 -17.72 10.13
N PHE A 70 -9.44 -17.11 9.48
CA PHE A 70 -10.01 -15.88 9.99
C PHE A 70 -10.74 -16.09 11.31
N VAL A 71 -11.50 -17.19 11.42
CA VAL A 71 -12.26 -17.45 12.65
C VAL A 71 -11.40 -17.97 13.79
N ASP A 72 -10.13 -18.32 13.52
CA ASP A 72 -9.21 -18.62 14.62
C ASP A 72 -8.79 -17.37 15.37
N LEU A 73 -9.04 -16.19 14.81
CA LEU A 73 -8.74 -14.93 15.47
C LEU A 73 -9.84 -14.57 16.45
N THR A 74 -9.50 -13.72 17.41
CA THR A 74 -10.51 -13.25 18.34
C THR A 74 -11.44 -12.25 17.65
N LEU A 75 -12.62 -12.07 18.24
CA LEU A 75 -13.59 -11.15 17.68
C LEU A 75 -13.00 -9.75 17.53
N HIS A 76 -12.19 -9.32 18.50
CA HIS A 76 -11.59 -8.00 18.44
C HIS A 76 -10.66 -7.85 17.24
N ASP A 77 -9.93 -8.92 16.91
CA ASP A 77 -9.03 -8.87 15.76
C ASP A 77 -9.80 -8.97 14.44
N GLN A 78 -10.87 -9.78 14.41
CA GLN A 78 -11.70 -9.85 13.22
C GLN A 78 -12.32 -8.50 12.89
N VAL A 79 -12.78 -7.78 13.92
CA VAL A 79 -13.34 -6.45 13.71
C VAL A 79 -12.29 -5.52 13.11
N HIS A 80 -11.09 -5.54 13.67
CA HIS A 80 -10.04 -4.63 13.23
C HIS A 80 -9.66 -4.88 11.78
N LEU A 81 -9.47 -6.15 11.40
CA LEU A 81 -9.07 -6.47 10.03
C LEU A 81 -10.14 -6.01 9.03
N LEU A 82 -11.42 -6.24 9.35
CA LEU A 82 -12.47 -5.81 8.45
C LEU A 82 -12.57 -4.29 8.41
N GLU A 83 -12.49 -3.63 9.57
CA GLU A 83 -12.54 -2.18 9.61
C GLU A 83 -11.43 -1.56 8.77
N CYS A 84 -10.28 -2.23 8.68
CA CYS A 84 -9.17 -1.65 7.92
C CYS A 84 -9.27 -1.95 6.43
N ALA A 85 -9.80 -3.11 6.06
CA ALA A 85 -9.68 -3.63 4.70
C ALA A 85 -10.98 -3.56 3.90
N TRP A 86 -12.08 -3.07 4.48
CA TRP A 86 -13.37 -3.23 3.83
C TRP A 86 -13.44 -2.50 2.50
N LEU A 87 -12.86 -1.30 2.42
CA LEU A 87 -12.92 -0.55 1.17
C LEU A 87 -11.95 -1.10 0.14
N GLU A 88 -10.78 -1.57 0.56
CA GLU A 88 -9.87 -2.26 -0.34
C GLU A 88 -10.55 -3.47 -0.97
N ILE A 89 -11.24 -4.26 -0.15
CA ILE A 89 -11.87 -5.49 -0.63
C ILE A 89 -13.01 -5.17 -1.59
N LEU A 90 -13.83 -4.16 -1.26
CA LEU A 90 -14.85 -3.72 -2.20
C LEU A 90 -14.23 -3.27 -3.52
N MET A 91 -13.11 -2.56 -3.44
CA MET A 91 -12.53 -1.98 -4.65
C MET A 91 -11.89 -3.05 -5.53
N ILE A 92 -11.22 -4.04 -4.94
CA ILE A 92 -10.65 -5.09 -5.77
C ILE A 92 -11.74 -5.96 -6.36
N GLY A 93 -12.87 -6.11 -5.65
CA GLY A 93 -14.01 -6.77 -6.25
C GLY A 93 -14.56 -5.99 -7.43
N LEU A 94 -14.64 -4.66 -7.30
CA LEU A 94 -15.07 -3.83 -8.41
C LEU A 94 -14.10 -3.92 -9.58
N VAL A 95 -12.80 -3.87 -9.30
CA VAL A 95 -11.80 -3.92 -10.37
C VAL A 95 -11.88 -5.26 -11.11
N TRP A 96 -11.97 -6.36 -10.36
CA TRP A 96 -12.12 -7.67 -10.99
C TRP A 96 -13.41 -7.76 -11.78
N ARG A 97 -14.49 -7.20 -11.25
CA ARG A 97 -15.77 -7.19 -11.93
C ARG A 97 -15.70 -6.46 -13.27
N SER A 98 -14.78 -5.50 -13.39
CA SER A 98 -14.71 -4.61 -14.54
C SER A 98 -13.63 -5.01 -15.56
N MET A 99 -13.03 -6.19 -15.41
CA MET A 99 -11.92 -6.57 -16.29
C MET A 99 -12.32 -6.53 -17.76
N GLU A 100 -13.46 -7.15 -18.09
CA GLU A 100 -13.89 -7.29 -19.48
C GLU A 100 -14.71 -6.10 -19.96
N HIS A 101 -14.64 -4.97 -19.26
CA HIS A 101 -15.33 -3.74 -19.66
C HIS A 101 -14.33 -2.59 -19.64
N PRO A 102 -13.43 -2.54 -20.62
CA PRO A 102 -12.39 -1.51 -20.61
C PRO A 102 -12.98 -0.11 -20.73
N GLY A 103 -12.45 0.80 -19.92
CA GLY A 103 -12.98 2.15 -19.88
C GLY A 103 -14.24 2.31 -19.07
N LYS A 104 -14.66 1.29 -18.34
CA LYS A 104 -15.89 1.34 -17.56
C LYS A 104 -15.71 0.55 -16.26
N LEU A 105 -16.46 0.94 -15.24
CA LEU A 105 -16.47 0.26 -13.96
C LEU A 105 -17.82 -0.39 -13.76
N LEU A 106 -17.82 -1.72 -13.56
CA LEU A 106 -19.05 -2.48 -13.40
C LEU A 106 -19.37 -2.59 -11.91
N PHE A 107 -19.97 -1.53 -11.38
CA PHE A 107 -20.40 -1.56 -9.98
C PHE A 107 -21.46 -2.63 -9.75
N ALA A 108 -22.30 -2.88 -10.74
CA ALA A 108 -23.34 -3.90 -10.66
C ALA A 108 -23.67 -4.31 -12.09
N PRO A 109 -24.25 -5.50 -12.28
CA PRO A 109 -24.64 -5.91 -13.64
C PRO A 109 -25.54 -4.91 -14.34
N ASN A 110 -26.26 -4.06 -13.60
CA ASN A 110 -27.14 -3.06 -14.17
C ASN A 110 -26.62 -1.63 -14.00
N LEU A 111 -25.32 -1.48 -13.72
CA LEU A 111 -24.77 -0.14 -13.47
C LEU A 111 -23.33 -0.12 -13.99
N LEU A 112 -23.18 0.23 -15.26
CA LEU A 112 -21.87 0.52 -15.86
C LEU A 112 -21.68 2.02 -15.92
N LEU A 113 -20.53 2.49 -15.45
CA LEU A 113 -20.18 3.91 -15.48
C LEU A 113 -18.83 4.07 -16.17
N ASP A 114 -18.75 5.00 -17.10
CA ASP A 114 -17.47 5.41 -17.65
C ASP A 114 -16.97 6.64 -16.88
N ARG A 115 -15.81 7.15 -17.31
CA ARG A 115 -15.20 8.30 -16.64
C ARG A 115 -16.05 9.56 -16.75
N ASN A 116 -16.86 9.66 -17.81
CA ASN A 116 -17.60 10.90 -18.06
C ASN A 116 -18.63 11.16 -16.97
N GLN A 117 -19.36 10.14 -16.56
CA GLN A 117 -20.13 10.24 -15.33
C GLN A 117 -19.20 9.99 -14.14
N GLY A 118 -19.60 10.49 -12.97
CA GLY A 118 -18.77 10.37 -11.79
C GLY A 118 -18.14 11.67 -11.35
N LYS A 119 -18.42 12.76 -12.08
CA LYS A 119 -18.33 14.13 -11.60
C LYS A 119 -17.09 14.48 -10.77
N CYS A 120 -17.33 15.00 -9.57
CA CYS A 120 -16.34 15.70 -8.76
C CYS A 120 -15.15 14.85 -8.35
N MET A 124 -13.40 12.54 -7.27
CA MET A 124 -14.00 11.26 -7.62
C MET A 124 -13.45 10.73 -8.94
N VAL A 125 -13.16 11.64 -9.88
CA VAL A 125 -12.63 11.22 -11.17
C VAL A 125 -11.22 10.66 -11.02
N GLU A 126 -10.44 11.21 -10.08
CA GLU A 126 -9.09 10.70 -9.86
C GLU A 126 -9.12 9.27 -9.35
N ILE A 127 -9.99 8.98 -8.38
CA ILE A 127 -10.16 7.61 -7.90
C ILE A 127 -10.69 6.72 -9.04
N PHE A 128 -11.59 7.27 -9.85
CA PHE A 128 -12.16 6.52 -10.96
C PHE A 128 -11.07 6.07 -11.94
N ASP A 129 -10.17 6.99 -12.30
CA ASP A 129 -9.09 6.65 -13.23
C ASP A 129 -8.17 5.60 -12.65
N MET A 130 -7.86 5.70 -11.35
CA MET A 130 -7.00 4.70 -10.71
C MET A 130 -7.64 3.32 -10.76
N LEU A 131 -8.94 3.22 -10.48
CA LEU A 131 -9.63 1.94 -10.58
C LEU A 131 -9.63 1.44 -12.01
N LEU A 132 -9.75 2.35 -12.99
CA LEU A 132 -9.69 1.94 -14.38
C LEU A 132 -8.33 1.40 -14.76
N ALA A 133 -7.26 1.97 -14.18
CA ALA A 133 -5.92 1.51 -14.50
C ALA A 133 -5.63 0.15 -13.88
N THR A 134 -6.05 -0.07 -12.63
CA THR A 134 -5.92 -1.38 -12.02
C THR A 134 -6.67 -2.43 -12.80
N SER A 135 -7.83 -2.05 -13.36
CA SER A 135 -8.63 -3.02 -14.11
C SER A 135 -7.93 -3.44 -15.39
N SER A 136 -7.45 -2.46 -16.17
CA SER A 136 -6.68 -2.79 -17.37
C SER A 136 -5.39 -3.52 -17.00
N ARG A 137 -4.87 -3.27 -15.80
CA ARG A 137 -3.70 -4.00 -15.34
C ARG A 137 -4.02 -5.48 -15.13
N PHE A 138 -5.17 -5.78 -14.50
CA PHE A 138 -5.60 -7.16 -14.36
C PHE A 138 -5.82 -7.80 -15.72
N ARG A 139 -6.38 -7.04 -16.67
CA ARG A 139 -6.65 -7.56 -18.00
C ARG A 139 -5.37 -7.89 -18.74
N MET A 140 -4.36 -7.01 -18.63
CA MET A 140 -3.07 -7.27 -19.27
C MET A 140 -2.39 -8.52 -18.71
N MET A 141 -2.43 -8.67 -17.39
CA MET A 141 -1.85 -9.84 -16.74
C MET A 141 -2.67 -11.11 -16.96
N ASN A 142 -3.90 -10.98 -17.46
CA ASN A 142 -4.83 -12.11 -17.57
C ASN A 142 -5.01 -12.77 -16.20
N LEU A 143 -5.37 -11.95 -15.21
CA LEU A 143 -5.56 -12.44 -13.86
C LEU A 143 -6.68 -13.48 -13.81
N GLN A 144 -6.40 -14.61 -13.16
CA GLN A 144 -7.35 -15.69 -13.06
C GLN A 144 -8.19 -15.55 -11.78
N GLY A 145 -9.34 -16.22 -11.78
CA GLY A 145 -10.21 -16.18 -10.62
C GLY A 145 -9.60 -16.83 -9.40
N GLU A 146 -8.83 -17.91 -9.60
CA GLU A 146 -8.13 -18.54 -8.50
C GLU A 146 -7.10 -17.59 -7.88
N GLU A 147 -6.46 -16.77 -8.72
CA GLU A 147 -5.50 -15.79 -8.21
C GLU A 147 -6.20 -14.64 -7.50
N PHE A 148 -7.37 -14.24 -8.01
CA PHE A 148 -8.09 -13.11 -7.43
C PHE A 148 -8.55 -13.41 -6.00
N VAL A 149 -9.12 -14.60 -5.79
CA VAL A 149 -9.61 -14.95 -4.45
C VAL A 149 -8.45 -15.04 -3.46
N CYS A 150 -7.26 -15.41 -3.93
CA CYS A 150 -6.08 -15.38 -3.06
C CYS A 150 -5.72 -13.94 -2.71
N LEU A 151 -5.64 -13.07 -3.72
CA LEU A 151 -5.32 -11.66 -3.48
C LEU A 151 -6.30 -11.01 -2.53
N LYS A 152 -7.60 -11.32 -2.69
CA LYS A 152 -8.61 -10.70 -1.84
C LYS A 152 -8.48 -11.18 -0.39
N SER A 153 -8.14 -12.45 -0.19
CA SER A 153 -7.93 -12.96 1.16
C SER A 153 -6.65 -12.42 1.77
N ILE A 154 -5.65 -12.13 0.93
CA ILE A 154 -4.42 -11.53 1.44
C ILE A 154 -4.69 -10.12 1.98
N ILE A 155 -5.50 -9.34 1.25
CA ILE A 155 -5.83 -8.00 1.72
C ILE A 155 -6.50 -8.05 3.08
N LEU A 156 -7.40 -9.02 3.28
CA LEU A 156 -8.15 -9.11 4.53
C LEU A 156 -7.22 -9.36 5.72
N LEU A 157 -6.24 -10.25 5.55
CA LEU A 157 -5.39 -10.62 6.66
C LEU A 157 -4.23 -9.65 6.85
N ASN A 158 -3.77 -9.00 5.78
CA ASN A 158 -2.55 -8.20 5.84
C ASN A 158 -2.79 -6.72 6.09
N SER A 159 -3.89 -6.15 5.58
CA SER A 159 -4.03 -4.70 5.55
C SER A 159 -4.00 -4.08 6.94
N GLY A 160 -4.49 -4.78 7.96
CA GLY A 160 -4.52 -4.24 9.30
C GLY A 160 -3.66 -4.99 10.29
N VAL A 161 -2.70 -5.77 9.79
CA VAL A 161 -1.92 -6.63 10.67
C VAL A 161 -0.87 -5.86 11.48
N TYR A 162 -0.51 -4.65 11.06
CA TYR A 162 0.54 -3.88 11.73
C TYR A 162 -0.02 -2.69 12.50
N THR A 163 -1.28 -2.77 12.93
CA THR A 163 -1.87 -1.72 13.76
C THR A 163 -2.64 -2.33 14.93
N THR A 168 0.34 -5.21 23.63
CA THR A 168 -0.63 -5.80 24.55
C THR A 168 0.05 -6.80 25.48
N LEU A 169 -0.35 -8.07 25.37
CA LEU A 169 0.23 -9.12 26.18
C LEU A 169 0.65 -10.31 25.31
N LYS A 170 -0.32 -11.12 24.91
CA LYS A 170 -0.09 -12.24 24.01
C LYS A 170 -0.73 -12.02 22.64
N SER A 171 -1.03 -10.77 22.29
CA SER A 171 -1.54 -10.45 20.96
C SER A 171 -0.46 -10.47 19.90
N LEU A 172 0.72 -11.00 20.23
CA LEU A 172 1.75 -11.29 19.25
C LEU A 172 1.56 -12.67 18.62
N GLU A 173 1.11 -13.64 19.42
CA GLU A 173 0.79 -14.96 18.89
C GLU A 173 -0.37 -14.91 17.90
N GLU A 174 -1.23 -13.89 17.98
CA GLU A 174 -2.29 -13.73 17.00
C GLU A 174 -1.72 -13.33 15.64
N LYS A 175 -0.73 -12.43 15.63
CA LYS A 175 -0.12 -12.02 14.38
C LYS A 175 0.73 -13.14 13.78
N ASP A 176 1.31 -14.00 14.63
CA ASP A 176 2.07 -15.13 14.12
C ASP A 176 1.19 -16.10 13.34
N HIS A 177 -0.03 -16.31 13.80
CA HIS A 177 -0.97 -17.15 13.06
C HIS A 177 -1.34 -16.52 11.73
N ILE A 178 -1.54 -15.20 11.71
CA ILE A 178 -1.88 -14.50 10.47
C ILE A 178 -0.74 -14.62 9.46
N HIS A 179 0.51 -14.44 9.93
CA HIS A 179 1.65 -14.51 9.03
C HIS A 179 1.81 -15.91 8.43
N ARG A 180 1.54 -16.95 9.22
CA ARG A 180 1.63 -18.31 8.70
C ARG A 180 0.55 -18.58 7.66
N VAL A 181 -0.68 -18.12 7.92
CA VAL A 181 -1.75 -18.27 6.92
C VAL A 181 -1.41 -17.48 5.67
N LEU A 182 -0.89 -16.26 5.84
CA LEU A 182 -0.44 -15.48 4.69
C LEU A 182 0.61 -16.24 3.89
N ASP A 183 1.54 -16.90 4.57
CA ASP A 183 2.53 -17.72 3.87
C ASP A 183 1.85 -18.87 3.14
N LYS A 184 0.79 -19.42 3.71
CA LYS A 184 0.05 -20.50 3.04
C LYS A 184 -0.60 -20.00 1.76
N ILE A 185 -1.07 -18.76 1.75
CA ILE A 185 -1.69 -18.21 0.54
C ILE A 185 -0.62 -17.95 -0.53
N THR A 186 0.58 -17.53 -0.11
CA THR A 186 1.68 -17.38 -1.06
C THR A 186 2.02 -18.70 -1.72
N ASP A 187 2.10 -19.77 -0.92
CA ASP A 187 2.35 -21.10 -1.48
C ASP A 187 1.28 -21.49 -2.48
N THR A 188 0.01 -21.22 -2.15
CA THR A 188 -1.07 -21.54 -3.07
C THR A 188 -0.96 -20.76 -4.36
N LEU A 189 -0.54 -19.49 -4.29
CA LEU A 189 -0.36 -18.68 -5.49
C LEU A 189 0.72 -19.27 -6.40
N ILE A 190 1.86 -19.63 -5.82
CA ILE A 190 2.93 -20.25 -6.60
C ILE A 190 2.46 -21.56 -7.22
N HIS A 191 1.67 -22.33 -6.47
CA HIS A 191 1.14 -23.59 -6.97
C HIS A 191 0.25 -23.37 -8.18
N LEU A 192 -0.55 -22.31 -8.17
CA LEU A 192 -1.41 -22.01 -9.32
C LEU A 192 -0.58 -21.66 -10.54
N MET A 193 0.45 -20.84 -10.37
CA MET A 193 1.26 -20.40 -11.51
C MET A 193 2.08 -21.55 -12.07
N ALA A 194 2.60 -22.43 -11.21
CA ALA A 194 3.34 -23.59 -11.68
C ALA A 194 2.44 -24.53 -12.47
N LYS A 195 1.19 -24.69 -12.04
CA LYS A 195 0.24 -25.53 -12.76
C LYS A 195 -0.22 -24.89 -14.06
N ALA A 196 -0.03 -23.58 -14.21
CA ALA A 196 -0.35 -22.90 -15.46
C ALA A 196 0.79 -22.98 -16.48
N GLY A 197 1.92 -23.57 -16.11
CA GLY A 197 3.05 -23.71 -17.01
C GLY A 197 4.11 -22.64 -16.90
N LEU A 198 3.99 -21.74 -15.92
CA LEU A 198 4.98 -20.67 -15.77
C LEU A 198 6.30 -21.24 -15.27
N THR A 199 7.39 -20.82 -15.90
CA THR A 199 8.71 -21.17 -15.39
C THR A 199 8.93 -20.51 -14.03
N LEU A 200 9.97 -20.98 -13.33
CA LEU A 200 10.21 -20.52 -11.98
C LEU A 200 10.44 -19.01 -11.93
N GLN A 201 11.17 -18.47 -12.91
CA GLN A 201 11.35 -17.03 -12.97
C GLN A 201 10.04 -16.31 -13.23
N GLN A 202 9.19 -16.87 -14.10
CA GLN A 202 7.89 -16.25 -14.37
C GLN A 202 7.00 -16.28 -13.14
N GLN A 203 7.05 -17.38 -12.37
CA GLN A 203 6.24 -17.48 -11.16
C GLN A 203 6.60 -16.38 -10.16
N HIS A 204 7.90 -16.15 -9.97
CA HIS A 204 8.34 -15.12 -9.03
C HIS A 204 7.98 -13.73 -9.54
N GLN A 205 8.16 -13.48 -10.83
CA GLN A 205 7.84 -12.18 -11.40
C GLN A 205 6.35 -11.90 -11.30
N ARG A 206 5.52 -12.88 -11.64
CA ARG A 206 4.07 -12.68 -11.56
C ARG A 206 3.63 -12.50 -10.12
N LEU A 207 4.22 -13.26 -9.19
CA LEU A 207 3.92 -13.09 -7.77
C LEU A 207 4.22 -11.67 -7.33
N ALA A 208 5.38 -11.13 -7.72
CA ALA A 208 5.71 -9.75 -7.38
C ALA A 208 4.72 -8.78 -8.01
N GLN A 209 4.41 -8.97 -9.30
CA GLN A 209 3.47 -8.09 -9.98
C GLN A 209 2.13 -8.02 -9.26
N LEU A 210 1.61 -9.18 -8.85
CA LEU A 210 0.31 -9.19 -8.18
C LEU A 210 0.36 -8.46 -6.85
N LEU A 211 1.41 -8.71 -6.06
CA LEU A 211 1.49 -8.10 -4.73
C LEU A 211 1.77 -6.61 -4.82
N LEU A 212 2.42 -6.14 -5.87
CA LEU A 212 2.63 -4.70 -6.03
C LEU A 212 1.31 -3.99 -6.30
N ILE A 213 0.36 -4.64 -6.97
CA ILE A 213 -0.96 -4.05 -7.19
C ILE A 213 -1.65 -3.79 -5.85
N LEU A 214 -1.36 -4.59 -4.83
CA LEU A 214 -1.97 -4.39 -3.52
C LEU A 214 -1.57 -3.06 -2.91
N SER A 215 -0.35 -2.58 -3.23
CA SER A 215 0.04 -1.25 -2.80
C SER A 215 -0.85 -0.18 -3.41
N HIS A 216 -1.18 -0.33 -4.70
CA HIS A 216 -2.07 0.63 -5.35
C HIS A 216 -3.50 0.52 -4.82
N ILE A 217 -3.94 -0.69 -4.50
CA ILE A 217 -5.29 -0.87 -3.96
C ILE A 217 -5.40 -0.18 -2.60
N ARG A 218 -4.36 -0.29 -1.77
CA ARG A 218 -4.34 0.45 -0.51
C ARG A 218 -4.39 1.94 -0.75
N HIS A 219 -3.69 2.42 -1.78
CA HIS A 219 -3.68 3.85 -2.07
C HIS A 219 -5.08 4.34 -2.46
N MET A 220 -5.77 3.58 -3.32
CA MET A 220 -7.10 3.98 -3.74
C MET A 220 -8.07 3.99 -2.56
N SER A 221 -7.90 3.05 -1.62
CA SER A 221 -8.77 3.00 -0.46
C SER A 221 -8.56 4.21 0.46
N ASN A 222 -7.30 4.58 0.68
CA ASN A 222 -7.02 5.76 1.49
C ASN A 222 -7.65 7.01 0.88
N LYS A 223 -7.57 7.14 -0.45
CA LYS A 223 -8.18 8.29 -1.12
C LYS A 223 -9.71 8.19 -1.09
N GLY A 224 -10.26 6.98 -1.14
CA GLY A 224 -11.69 6.83 -1.04
C GLY A 224 -12.22 7.19 0.34
N MET A 225 -11.47 6.80 1.39
CA MET A 225 -11.88 7.14 2.74
C MET A 225 -11.95 8.65 2.94
N GLU A 226 -11.01 9.39 2.35
CA GLU A 226 -11.06 10.85 2.46
C GLU A 226 -12.26 11.42 1.72
N HIS A 227 -12.55 10.90 0.53
CA HIS A 227 -13.71 11.38 -0.22
C HIS A 227 -15.01 11.05 0.49
N LEU A 228 -15.09 9.88 1.13
CA LEU A 228 -16.29 9.50 1.84
C LEU A 228 -16.45 10.33 3.12
N TYR A 229 -15.35 10.62 3.80
CA TYR A 229 -15.41 11.51 4.97
C TYR A 229 -15.89 12.89 4.57
N SER A 230 -15.43 13.39 3.43
CA SER A 230 -15.91 14.68 2.93
C SER A 230 -17.40 14.62 2.58
N MET A 231 -17.81 13.56 1.90
CA MET A 231 -19.22 13.40 1.55
C MET A 231 -20.11 13.34 2.80
N LYS A 232 -19.59 12.78 3.89
CA LYS A 232 -20.35 12.76 5.14
C LYS A 232 -20.51 14.16 5.71
N CYS A 233 -19.40 14.90 5.84
CA CYS A 233 -19.46 16.24 6.40
C CYS A 233 -20.25 17.21 5.54
N LYS A 234 -20.37 16.93 4.23
CA LYS A 234 -21.26 17.71 3.40
C LYS A 234 -22.73 17.48 3.76
N ASN A 235 -23.01 16.39 4.47
CA ASN A 235 -24.33 16.07 5.01
C ASN A 235 -25.40 15.88 3.93
N VAL A 236 -24.99 15.73 2.67
CA VAL A 236 -25.94 15.55 1.58
C VAL A 236 -26.27 14.06 1.45
N VAL A 237 -25.29 13.26 1.08
CA VAL A 237 -25.48 11.82 0.90
C VAL A 237 -25.53 11.16 2.26
N PRO A 238 -26.63 10.48 2.61
CA PRO A 238 -26.72 9.82 3.92
C PRO A 238 -26.00 8.47 3.91
N LEU A 239 -25.06 8.31 4.83
CA LEU A 239 -24.37 7.03 5.00
C LEU A 239 -25.17 6.13 5.94
N SER A 240 -25.09 4.84 5.70
CA SER A 240 -25.79 3.88 6.54
C SER A 240 -25.10 3.75 7.89
N ASP A 241 -25.80 3.12 8.84
CA ASP A 241 -25.26 2.99 10.19
C ASP A 241 -23.95 2.20 10.20
N LEU A 242 -23.86 1.13 9.41
CA LEU A 242 -22.64 0.34 9.37
C LEU A 242 -21.51 1.10 8.69
N LEU A 243 -21.80 1.75 7.56
CA LEU A 243 -20.77 2.50 6.86
C LEU A 243 -20.23 3.64 7.72
N LEU A 244 -21.10 4.33 8.45
CA LEU A 244 -20.65 5.36 9.38
C LEU A 244 -19.65 4.79 10.37
N GLU A 245 -19.96 3.64 10.96
CA GLU A 245 -19.04 3.03 11.92
C GLU A 245 -17.77 2.52 11.24
N MET A 246 -17.91 1.92 10.06
CA MET A 246 -16.74 1.44 9.32
C MET A 246 -15.85 2.62 8.94
N LEU A 247 -16.44 3.70 8.45
CA LEU A 247 -15.67 4.90 8.11
C LEU A 247 -15.05 5.52 9.36
N ASP A 248 -15.76 5.47 10.48
CA ASP A 248 -15.26 6.06 11.71
C ASP A 248 -14.02 5.35 12.24
N ALA A 249 -13.81 4.09 11.86
CA ALA A 249 -12.62 3.36 12.31
C ALA A 249 -11.35 4.01 11.78
N HIS A 250 -11.41 4.65 10.61
CA HIS A 250 -10.27 5.37 10.06
C HIS A 250 -10.31 6.84 10.46
N ARG A 251 -10.28 7.06 11.78
CA ARG A 251 -10.40 8.38 12.36
C ARG A 251 -9.39 9.37 11.79
N ASN B 7 16.46 1.16 -26.32
CA ASN B 7 16.81 0.04 -25.45
C ASN B 7 17.56 0.55 -24.20
N SER B 8 17.14 0.08 -23.04
CA SER B 8 17.68 0.53 -21.78
C SER B 8 18.89 -0.29 -21.35
N LEU B 9 19.90 0.40 -20.83
CA LEU B 9 21.04 -0.28 -20.22
C LEU B 9 20.64 -1.07 -18.97
N ALA B 10 19.53 -0.70 -18.33
CA ALA B 10 19.17 -1.30 -17.05
C ALA B 10 18.84 -2.79 -17.20
N LEU B 11 18.22 -3.17 -18.31
CA LEU B 11 17.82 -4.57 -18.49
C LEU B 11 18.97 -5.48 -18.89
N SER B 12 20.13 -4.91 -19.25
CA SER B 12 21.30 -5.71 -19.59
C SER B 12 22.21 -5.98 -18.39
N LEU B 13 21.96 -5.34 -17.25
CA LEU B 13 22.77 -5.59 -16.07
C LEU B 13 22.52 -7.00 -15.54
N THR B 14 23.55 -7.57 -14.91
CA THR B 14 23.36 -8.81 -14.17
C THR B 14 22.78 -8.49 -12.80
N ALA B 15 22.47 -9.55 -12.05
CA ALA B 15 21.93 -9.36 -10.71
C ALA B 15 22.95 -8.68 -9.79
N ASP B 16 24.21 -9.12 -9.85
CA ASP B 16 25.25 -8.50 -9.04
C ASP B 16 25.47 -7.05 -9.44
N GLN B 17 25.46 -6.76 -10.75
CA GLN B 17 25.62 -5.39 -11.21
C GLN B 17 24.49 -4.50 -10.70
N MET B 18 23.26 -5.05 -10.65
CA MET B 18 22.14 -4.30 -10.12
C MET B 18 22.33 -4.00 -8.63
N VAL B 19 22.75 -5.00 -7.86
CA VAL B 19 23.00 -4.80 -6.43
C VAL B 19 24.09 -3.75 -6.22
N SER B 20 25.17 -3.84 -7.00
CA SER B 20 26.28 -2.90 -6.83
C SER B 20 25.86 -1.47 -7.19
N ALA B 21 25.11 -1.31 -8.28
CA ALA B 21 24.68 0.03 -8.68
C ALA B 21 23.78 0.67 -7.63
N LEU B 22 22.89 -0.12 -7.03
CA LEU B 22 21.98 0.44 -6.03
C LEU B 22 22.69 0.77 -4.73
N LEU B 23 23.65 -0.07 -4.32
CA LEU B 23 24.41 0.21 -3.10
C LEU B 23 25.27 1.46 -3.27
N ASP B 24 25.83 1.65 -4.46
CA ASP B 24 26.66 2.82 -4.73
C ASP B 24 25.85 4.11 -4.80
N ALA B 25 24.55 4.01 -5.12
CA ALA B 25 23.69 5.19 -5.20
C ALA B 25 23.10 5.60 -3.86
N GLU B 26 23.33 4.81 -2.81
CA GLU B 26 22.68 5.06 -1.53
C GLU B 26 22.97 6.47 -1.04
N PRO B 27 21.97 7.21 -0.55
CA PRO B 27 22.24 8.51 0.03
C PRO B 27 22.87 8.34 1.41
N PRO B 28 23.62 9.34 1.88
CA PRO B 28 24.22 9.24 3.21
C PRO B 28 23.18 9.46 4.30
N ILE B 29 23.58 9.16 5.53
CA ILE B 29 22.74 9.42 6.69
C ILE B 29 23.06 10.82 7.19
N LEU B 30 22.08 11.71 7.10
CA LEU B 30 22.26 13.11 7.47
C LEU B 30 21.96 13.32 8.95
N TYR B 31 22.52 14.39 9.50
CA TYR B 31 22.33 14.74 10.90
C TYR B 31 21.30 15.85 11.05
N SER B 32 20.74 15.93 12.25
CA SER B 32 19.87 17.04 12.63
C SER B 32 20.73 18.13 13.27
N GLU B 33 20.09 19.17 13.81
CA GLU B 33 20.84 20.20 14.52
C GLU B 33 21.52 19.61 15.74
N TYR B 34 22.69 20.14 16.07
CA TYR B 34 23.47 19.59 17.17
C TYR B 34 23.02 20.08 18.54
N ASP B 35 21.95 20.87 18.62
CA ASP B 35 21.46 21.31 19.92
C ASP B 35 20.85 20.13 20.66
N PRO B 36 21.16 19.96 21.96
CA PRO B 36 20.81 18.72 22.65
C PRO B 36 19.52 18.76 23.46
N THR B 37 18.65 19.74 23.20
CA THR B 37 17.34 19.74 23.83
C THR B 37 16.43 18.78 23.10
N ARG B 38 15.78 17.89 23.85
CA ARG B 38 14.84 16.96 23.24
C ARG B 38 13.55 17.69 22.90
N PRO B 39 13.08 17.60 21.66
CA PRO B 39 11.86 18.33 21.28
C PRO B 39 10.63 17.70 21.92
N PHE B 40 9.88 18.53 22.65
CA PHE B 40 8.55 18.16 23.13
C PHE B 40 7.50 19.13 22.64
N SER B 41 7.87 20.14 21.87
CA SER B 41 6.92 21.02 21.21
C SER B 41 6.65 20.52 19.80
N GLU B 42 5.42 20.78 19.32
CA GLU B 42 5.14 20.50 17.92
C GLU B 42 5.99 21.38 17.01
N ALA B 43 6.19 22.64 17.40
CA ALA B 43 6.97 23.56 16.58
C ALA B 43 8.43 23.15 16.53
N SER B 44 8.99 22.71 17.66
CA SER B 44 10.40 22.30 17.67
C SER B 44 10.58 20.95 16.98
N MET B 45 9.64 20.04 17.17
CA MET B 45 9.78 18.70 16.59
C MET B 45 9.56 18.74 15.08
N MET B 46 8.48 19.39 14.63
CA MET B 46 8.22 19.46 13.19
C MET B 46 9.23 20.37 12.49
N GLY B 47 9.82 21.33 13.21
CA GLY B 47 10.85 22.15 12.60
C GLY B 47 12.10 21.35 12.28
N LEU B 48 12.52 20.48 13.20
CA LEU B 48 13.71 19.66 12.96
C LEU B 48 13.45 18.59 11.91
N LEU B 49 12.24 18.02 11.89
CA LEU B 49 11.94 17.00 10.90
C LEU B 49 11.82 17.60 9.51
N THR B 50 11.22 18.78 9.39
CA THR B 50 11.06 19.41 8.10
C THR B 50 12.42 19.83 7.53
N ASN B 51 13.26 20.44 8.36
CA ASN B 51 14.62 20.78 7.94
C ASN B 51 15.39 19.53 7.50
N LEU B 52 15.28 18.46 8.29
CA LEU B 52 15.94 17.21 7.93
C LEU B 52 15.42 16.68 6.61
N ALA B 53 14.10 16.60 6.46
CA ALA B 53 13.51 16.04 5.25
C ALA B 53 13.84 16.88 4.02
N ASP B 54 13.93 18.20 4.19
CA ASP B 54 14.26 19.07 3.06
C ASP B 54 15.65 18.76 2.52
N ARG B 55 16.63 18.57 3.41
CA ARG B 55 17.97 18.22 2.95
C ARG B 55 18.02 16.81 2.38
N GLU B 56 17.26 15.88 2.96
CA GLU B 56 17.23 14.52 2.45
C GLU B 56 16.66 14.47 1.03
N LEU B 57 15.70 15.35 0.72
CA LEU B 57 15.08 15.35 -0.60
C LEU B 57 16.10 15.63 -1.69
N VAL B 58 17.06 16.51 -1.42
CA VAL B 58 18.08 16.84 -2.42
C VAL B 58 18.94 15.61 -2.73
N HIS B 59 19.22 14.80 -1.71
CA HIS B 59 19.96 13.55 -1.95
C HIS B 59 19.07 12.51 -2.63
N MET B 60 17.78 12.48 -2.29
CA MET B 60 16.88 11.53 -2.93
C MET B 60 16.80 11.76 -4.44
N ILE B 61 16.74 13.02 -4.85
CA ILE B 61 16.64 13.34 -6.28
C ILE B 61 17.86 12.84 -7.03
N ASN B 62 19.05 13.03 -6.46
CA ASN B 62 20.25 12.53 -7.12
C ASN B 62 20.42 11.03 -6.94
N TRP B 63 19.84 10.46 -5.89
CA TRP B 63 19.81 9.01 -5.75
C TRP B 63 18.95 8.38 -6.84
N ALA B 64 17.76 8.95 -7.08
CA ALA B 64 16.82 8.36 -8.03
C ALA B 64 17.40 8.34 -9.44
N LYS B 65 18.17 9.37 -9.81
CA LYS B 65 18.78 9.41 -11.13
C LYS B 65 19.77 8.28 -11.33
N ARG B 66 20.29 7.69 -10.24
CA ARG B 66 21.22 6.57 -10.33
C ARG B 66 20.53 5.22 -10.18
N VAL B 67 19.22 5.19 -10.03
CA VAL B 67 18.47 3.93 -10.06
C VAL B 67 18.39 3.47 -11.51
N PRO B 68 18.85 2.26 -11.83
CA PRO B 68 18.85 1.82 -13.23
C PRO B 68 17.45 1.87 -13.84
N GLY B 69 17.38 2.40 -15.06
CA GLY B 69 16.13 2.56 -15.77
C GLY B 69 15.42 3.88 -15.52
N PHE B 70 15.80 4.62 -14.47
CA PHE B 70 15.08 5.83 -14.12
C PHE B 70 15.35 6.95 -15.11
N VAL B 71 16.61 7.11 -15.55
CA VAL B 71 16.94 8.16 -16.51
C VAL B 71 16.47 7.86 -17.91
N ASP B 72 16.02 6.63 -18.18
CA ASP B 72 15.38 6.31 -19.46
C ASP B 72 13.97 6.89 -19.55
N LEU B 73 13.38 7.29 -18.44
CA LEU B 73 12.06 7.90 -18.43
C LEU B 73 12.14 9.36 -18.87
N THR B 74 11.01 9.88 -19.33
CA THR B 74 10.94 11.29 -19.64
C THR B 74 11.06 12.11 -18.35
N LEU B 75 11.41 13.38 -18.51
CA LEU B 75 11.52 14.27 -17.36
C LEU B 75 10.20 14.35 -16.59
N HIS B 76 9.09 14.43 -17.31
CA HIS B 76 7.78 14.46 -16.66
C HIS B 76 7.54 13.18 -15.85
N ASP B 77 7.88 12.03 -16.42
CA ASP B 77 7.69 10.76 -15.71
C ASP B 77 8.55 10.70 -14.47
N GLN B 78 9.78 11.21 -14.54
CA GLN B 78 10.64 11.25 -13.36
C GLN B 78 10.05 12.12 -12.27
N VAL B 79 9.55 13.30 -12.66
CA VAL B 79 8.89 14.18 -11.69
C VAL B 79 7.72 13.47 -11.02
N HIS B 80 6.88 12.81 -11.82
CA HIS B 80 5.67 12.20 -11.30
C HIS B 80 5.99 11.09 -10.29
N LEU B 81 6.94 10.21 -10.63
CA LEU B 81 7.28 9.12 -9.72
C LEU B 81 7.82 9.63 -8.41
N LEU B 82 8.69 10.66 -8.45
CA LEU B 82 9.25 11.20 -7.23
C LEU B 82 8.19 11.90 -6.38
N GLU B 83 7.30 12.66 -7.03
CA GLU B 83 6.24 13.33 -6.28
C GLU B 83 5.36 12.34 -5.54
N CYS B 84 5.09 11.18 -6.15
CA CYS B 84 4.23 10.20 -5.51
C CYS B 84 4.96 9.47 -4.38
N ALA B 85 6.24 9.19 -4.55
CA ALA B 85 6.96 8.23 -3.72
C ALA B 85 7.81 8.85 -2.63
N TRP B 86 7.98 10.18 -2.61
CA TRP B 86 9.04 10.77 -1.79
C TRP B 86 8.85 10.46 -0.31
N LEU B 87 7.61 10.54 0.19
CA LEU B 87 7.41 10.27 1.61
C LEU B 87 7.52 8.78 1.93
N GLU B 88 7.12 7.91 1.00
CA GLU B 88 7.37 6.49 1.17
C GLU B 88 8.87 6.21 1.26
N ILE B 89 9.66 6.87 0.41
CA ILE B 89 11.10 6.63 0.39
C ILE B 89 11.75 7.16 1.66
N LEU B 90 11.34 8.34 2.13
CA LEU B 90 11.84 8.84 3.41
C LEU B 90 11.48 7.90 4.55
N MET B 91 10.26 7.35 4.52
CA MET B 91 9.79 6.55 5.65
C MET B 91 10.48 5.20 5.70
N ILE B 92 10.61 4.51 4.56
CA ILE B 92 11.29 3.23 4.58
C ILE B 92 12.77 3.42 4.93
N GLY B 93 13.34 4.57 4.60
CA GLY B 93 14.69 4.86 5.06
C GLY B 93 14.73 5.05 6.56
N LEU B 94 13.75 5.77 7.11
CA LEU B 94 13.66 5.95 8.56
C LEU B 94 13.49 4.60 9.26
N VAL B 95 12.58 3.76 8.76
CA VAL B 95 12.35 2.46 9.36
C VAL B 95 13.60 1.60 9.28
N TRP B 96 14.35 1.72 8.17
CA TRP B 96 15.55 0.91 8.01
C TRP B 96 16.60 1.23 9.06
N ARG B 97 16.94 2.50 9.23
CA ARG B 97 17.99 2.85 10.18
C ARG B 97 17.52 2.82 11.63
N SER B 98 16.22 2.77 11.87
CA SER B 98 15.69 2.57 13.22
C SER B 98 15.65 1.09 13.60
N MET B 99 16.15 0.20 12.73
CA MET B 99 15.92 -1.23 12.89
C MET B 99 16.59 -1.75 14.16
N GLU B 100 17.79 -1.27 14.48
CA GLU B 100 18.53 -1.74 15.63
C GLU B 100 18.23 -0.94 16.90
N HIS B 101 17.15 -0.16 16.91
CA HIS B 101 16.74 0.63 18.07
C HIS B 101 15.27 0.34 18.35
N PRO B 102 14.97 -0.79 18.99
CA PRO B 102 13.56 -1.16 19.22
C PRO B 102 12.83 -0.13 20.04
N GLY B 103 11.61 0.19 19.62
CA GLY B 103 10.82 1.21 20.29
C GLY B 103 11.30 2.63 20.07
N LYS B 104 12.26 2.84 19.17
CA LYS B 104 12.81 4.15 18.90
C LYS B 104 12.80 4.40 17.39
N LEU B 105 12.67 5.67 17.02
CA LEU B 105 12.80 6.10 15.64
C LEU B 105 14.06 6.95 15.51
N LEU B 106 15.01 6.48 14.70
CA LEU B 106 16.27 7.20 14.47
C LEU B 106 16.09 8.06 13.21
N PHE B 107 15.52 9.25 13.41
CA PHE B 107 15.44 10.21 12.31
C PHE B 107 16.83 10.67 11.89
N ALA B 108 17.74 10.79 12.84
CA ALA B 108 19.13 11.12 12.60
C ALA B 108 19.96 10.49 13.71
N PRO B 109 21.26 10.27 13.49
CA PRO B 109 22.09 9.70 14.55
C PRO B 109 22.04 10.49 15.85
N ASN B 110 21.81 11.80 15.78
CA ASN B 110 21.66 12.64 16.96
C ASN B 110 20.22 13.03 17.22
N LEU B 111 19.26 12.22 16.74
CA LEU B 111 17.84 12.56 16.91
C LEU B 111 17.05 11.25 16.91
N LEU B 112 16.91 10.66 18.10
CA LEU B 112 16.08 9.48 18.30
C LEU B 112 14.84 9.89 19.10
N LEU B 113 13.67 9.60 18.54
CA LEU B 113 12.41 9.95 19.17
C LEU B 113 11.67 8.69 19.60
N ASP B 114 11.13 8.71 20.81
CA ASP B 114 10.24 7.66 21.28
C ASP B 114 8.79 8.10 21.12
N ARG B 115 7.86 7.14 21.27
CA ARG B 115 6.45 7.45 21.08
C ARG B 115 5.93 8.42 22.14
N ASN B 116 6.61 8.54 23.27
CA ASN B 116 6.21 9.54 24.26
C ASN B 116 6.39 10.96 23.75
N GLN B 117 7.35 11.18 22.85
CA GLN B 117 7.47 12.48 22.20
C GLN B 117 6.48 12.63 21.05
N GLY B 118 6.14 11.53 20.38
CA GLY B 118 5.14 11.60 19.32
C GLY B 118 3.79 12.08 19.81
N LYS B 119 3.51 11.90 21.10
CA LYS B 119 2.27 12.40 21.68
C LYS B 119 2.20 13.92 21.67
N CYS B 120 3.34 14.61 21.47
CA CYS B 120 3.36 16.06 21.50
C CYS B 120 2.74 16.68 20.27
N VAL B 121 2.38 15.89 19.26
CA VAL B 121 1.67 16.37 18.09
C VAL B 121 0.44 15.49 17.88
N GLU B 122 -0.72 16.12 17.75
CA GLU B 122 -1.95 15.38 17.53
C GLU B 122 -1.91 14.68 16.18
N GLY B 123 -2.05 13.36 16.19
CA GLY B 123 -2.00 12.55 14.99
C GLY B 123 -0.63 11.95 14.70
N MET B 124 0.42 12.41 15.37
CA MET B 124 1.75 11.88 15.09
C MET B 124 1.97 10.51 15.71
N VAL B 125 1.47 10.30 16.93
CA VAL B 125 1.74 9.04 17.63
C VAL B 125 1.15 7.85 16.89
N GLU B 126 0.05 8.05 16.16
CA GLU B 126 -0.54 6.96 15.39
C GLU B 126 0.39 6.52 14.26
N ILE B 127 0.97 7.48 13.55
CA ILE B 127 1.95 7.15 12.52
C ILE B 127 3.24 6.65 13.15
N PHE B 128 3.59 7.20 14.32
CA PHE B 128 4.76 6.74 15.07
C PHE B 128 4.69 5.24 15.30
N ASP B 129 3.56 4.73 15.79
CA ASP B 129 3.44 3.32 16.11
C ASP B 129 3.50 2.45 14.87
N MET B 130 2.95 2.93 13.76
CA MET B 130 3.02 2.17 12.51
C MET B 130 4.47 2.07 12.02
N LEU B 131 5.23 3.16 12.14
CA LEU B 131 6.64 3.10 11.80
C LEU B 131 7.40 2.18 12.74
N LEU B 132 7.07 2.22 14.03
CA LEU B 132 7.69 1.33 15.00
C LEU B 132 7.43 -0.13 14.65
N ALA B 133 6.16 -0.47 14.35
CA ALA B 133 5.83 -1.85 14.01
C ALA B 133 6.52 -2.28 12.72
N THR B 134 6.66 -1.36 11.76
CA THR B 134 7.36 -1.69 10.52
C THR B 134 8.83 -1.99 10.78
N SER B 135 9.48 -1.17 11.61
CA SER B 135 10.88 -1.41 11.95
C SER B 135 11.05 -2.74 12.68
N SER B 136 10.15 -3.04 13.62
CA SER B 136 10.19 -4.33 14.30
C SER B 136 9.98 -5.48 13.34
N ARG B 137 9.14 -5.28 12.31
CA ARG B 137 8.95 -6.32 11.30
C ARG B 137 10.22 -6.55 10.50
N PHE B 138 10.89 -5.46 10.09
CA PHE B 138 12.16 -5.60 9.38
C PHE B 138 13.20 -6.32 10.23
N ARG B 139 13.24 -6.01 11.53
CA ARG B 139 14.22 -6.63 12.41
C ARG B 139 13.97 -8.14 12.56
N MET B 140 12.70 -8.53 12.74
CA MET B 140 12.38 -9.94 12.92
C MET B 140 12.61 -10.74 11.64
N MET B 141 12.48 -10.11 10.48
CA MET B 141 12.80 -10.76 9.21
C MET B 141 14.28 -10.74 8.88
N ASN B 142 15.09 -10.04 9.67
N ASN B 142 15.09 -10.04 9.68
CA ASN B 142 16.53 -9.90 9.42
CA ASN B 142 16.53 -9.90 9.42
C ASN B 142 16.78 -9.34 8.03
C ASN B 142 16.78 -9.34 8.03
N LEU B 143 16.12 -8.21 7.74
CA LEU B 143 16.25 -7.58 6.44
C LEU B 143 17.69 -7.13 6.20
N GLN B 144 18.20 -7.44 5.02
CA GLN B 144 19.57 -7.10 4.64
C GLN B 144 19.60 -5.81 3.83
N GLY B 145 20.76 -5.16 3.84
CA GLY B 145 20.91 -3.91 3.11
C GLY B 145 20.68 -4.06 1.61
N GLU B 146 21.20 -5.14 1.03
CA GLU B 146 20.97 -5.41 -0.39
C GLU B 146 19.50 -5.57 -0.69
N GLU B 147 18.73 -6.15 0.24
CA GLU B 147 17.29 -6.25 0.06
C GLU B 147 16.61 -4.90 0.24
N PHE B 148 17.08 -4.11 1.20
CA PHE B 148 16.47 -2.80 1.46
C PHE B 148 16.52 -1.91 0.23
N VAL B 149 17.67 -1.86 -0.45
CA VAL B 149 17.82 -0.96 -1.57
C VAL B 149 17.00 -1.45 -2.77
N CYS B 150 16.77 -2.76 -2.87
CA CYS B 150 15.85 -3.27 -3.88
C CYS B 150 14.42 -2.81 -3.60
N LEU B 151 14.01 -2.89 -2.33
CA LEU B 151 12.66 -2.47 -1.96
C LEU B 151 12.48 -0.96 -2.17
N LYS B 152 13.47 -0.17 -1.78
CA LYS B 152 13.36 1.28 -1.95
C LYS B 152 13.25 1.65 -3.43
N SER B 153 13.97 0.94 -4.30
CA SER B 153 13.86 1.20 -5.73
C SER B 153 12.50 0.80 -6.27
N ILE B 154 11.96 -0.33 -5.80
CA ILE B 154 10.64 -0.77 -6.22
C ILE B 154 9.59 0.31 -5.92
N ILE B 155 9.68 0.89 -4.73
CA ILE B 155 8.75 1.96 -4.35
C ILE B 155 8.84 3.12 -5.33
N LEU B 156 10.06 3.53 -5.67
CA LEU B 156 10.24 4.66 -6.58
C LEU B 156 9.57 4.39 -7.92
N LEU B 157 9.73 3.17 -8.45
CA LEU B 157 9.22 2.84 -9.76
C LEU B 157 7.75 2.44 -9.75
N ASN B 158 7.26 1.86 -8.67
CA ASN B 158 5.91 1.29 -8.68
C ASN B 158 4.84 2.26 -8.19
N SER B 159 5.15 3.13 -7.22
CA SER B 159 4.10 3.88 -6.55
C SER B 159 3.32 4.79 -7.49
N GLY B 160 3.87 5.10 -8.66
CA GLY B 160 3.15 5.93 -9.60
C GLY B 160 3.05 5.43 -11.03
N VAL B 161 3.15 4.10 -11.26
CA VAL B 161 3.13 3.58 -12.63
C VAL B 161 1.78 3.86 -13.29
N TYR B 162 0.73 3.25 -12.77
CA TYR B 162 -0.60 3.64 -13.19
C TYR B 162 -1.05 4.67 -12.17
N THR B 163 -1.09 5.89 -12.68
CA THR B 163 -0.52 7.07 -12.03
C THR B 163 -1.33 7.78 -10.95
N LYS B 175 4.12 2.19 -20.38
CA LYS B 175 4.43 1.71 -19.04
C LYS B 175 5.17 0.37 -19.11
N ASP B 176 5.42 -0.09 -20.33
CA ASP B 176 6.08 -1.38 -20.51
C ASP B 176 7.50 -1.37 -19.95
N HIS B 177 8.18 -0.23 -20.06
CA HIS B 177 9.58 -0.16 -19.63
C HIS B 177 9.71 -0.34 -18.11
N ILE B 178 8.87 0.36 -17.34
CA ILE B 178 8.99 0.30 -15.88
C ILE B 178 8.71 -1.11 -15.39
N HIS B 179 7.69 -1.76 -15.94
CA HIS B 179 7.36 -3.12 -15.52
C HIS B 179 8.50 -4.09 -15.81
N ARG B 180 9.20 -3.88 -16.93
CA ARG B 180 10.37 -4.69 -17.23
C ARG B 180 11.47 -4.46 -16.21
N VAL B 181 11.69 -3.20 -15.80
CA VAL B 181 12.65 -2.91 -14.76
C VAL B 181 12.19 -3.48 -13.42
N LEU B 182 10.88 -3.42 -13.16
CA LEU B 182 10.36 -3.99 -11.92
C LEU B 182 10.57 -5.49 -11.87
N ASP B 183 10.40 -6.17 -13.01
CA ASP B 183 10.71 -7.60 -13.06
C ASP B 183 12.20 -7.84 -12.81
N LYS B 184 13.05 -6.97 -13.35
CA LYS B 184 14.50 -7.11 -13.15
C LYS B 184 14.84 -7.06 -11.67
N ILE B 185 14.20 -6.17 -10.91
CA ILE B 185 14.48 -6.08 -9.48
C ILE B 185 13.97 -7.31 -8.75
N THR B 186 12.87 -7.90 -9.21
CA THR B 186 12.39 -9.15 -8.62
C THR B 186 13.43 -10.26 -8.75
N ASP B 187 13.97 -10.42 -9.97
CA ASP B 187 15.08 -11.36 -10.16
C ASP B 187 16.23 -11.06 -9.21
N THR B 188 16.53 -9.78 -9.03
CA THR B 188 17.62 -9.38 -8.14
C THR B 188 17.32 -9.77 -6.69
N LEU B 189 16.08 -9.58 -6.26
CA LEU B 189 15.69 -9.98 -4.91
C LEU B 189 15.80 -11.50 -4.73
N ILE B 190 15.32 -12.26 -5.71
CA ILE B 190 15.44 -13.71 -5.65
C ILE B 190 16.91 -14.13 -5.69
N HIS B 191 17.71 -13.42 -6.49
CA HIS B 191 19.15 -13.71 -6.56
C HIS B 191 19.80 -13.55 -5.19
N LEU B 192 19.41 -12.52 -4.44
CA LEU B 192 20.00 -12.30 -3.11
C LEU B 192 19.60 -13.40 -2.13
N MET B 193 18.36 -13.89 -2.24
CA MET B 193 17.90 -14.92 -1.29
C MET B 193 18.52 -16.27 -1.61
N ALA B 194 18.61 -16.63 -2.90
CA ALA B 194 19.29 -17.87 -3.27
C ALA B 194 20.76 -17.81 -2.91
N LYS B 195 21.39 -16.64 -3.11
CA LYS B 195 22.77 -16.45 -2.70
C LYS B 195 22.93 -16.64 -1.20
N ALA B 196 21.91 -16.28 -0.41
CA ALA B 196 21.92 -16.44 1.04
C ALA B 196 21.53 -17.84 1.47
N GLY B 197 21.35 -18.78 0.54
CA GLY B 197 21.11 -20.16 0.88
C GLY B 197 19.67 -20.55 1.17
N LEU B 198 18.71 -19.69 0.84
CA LEU B 198 17.31 -19.99 1.10
C LEU B 198 16.77 -20.99 0.09
N THR B 199 15.95 -21.92 0.57
CA THR B 199 15.32 -22.90 -0.31
C THR B 199 14.31 -22.20 -1.22
N LEU B 200 13.89 -22.93 -2.27
CA LEU B 200 12.93 -22.40 -3.22
C LEU B 200 11.65 -21.95 -2.52
N GLN B 201 11.18 -22.73 -1.55
CA GLN B 201 9.98 -22.33 -0.82
C GLN B 201 10.22 -21.10 0.03
N GLN B 202 11.39 -21.02 0.68
CA GLN B 202 11.69 -19.86 1.50
C GLN B 202 11.89 -18.61 0.66
N GLN B 203 12.30 -18.77 -0.60
CA GLN B 203 12.55 -17.61 -1.46
C GLN B 203 11.26 -16.90 -1.81
N HIS B 204 10.24 -17.63 -2.28
CA HIS B 204 9.01 -16.97 -2.70
C HIS B 204 8.20 -16.50 -1.51
N GLN B 205 8.28 -17.18 -0.37
CA GLN B 205 7.58 -16.73 0.82
C GLN B 205 8.16 -15.41 1.34
N ARG B 206 9.49 -15.31 1.38
CA ARG B 206 10.12 -14.07 1.83
C ARG B 206 9.88 -12.94 0.84
N LEU B 207 9.89 -13.25 -0.46
CA LEU B 207 9.55 -12.26 -1.47
C LEU B 207 8.17 -11.68 -1.20
N ALA B 208 7.19 -12.54 -0.90
CA ALA B 208 5.85 -12.07 -0.60
C ALA B 208 5.81 -11.25 0.69
N GLN B 209 6.50 -11.72 1.72
CA GLN B 209 6.52 -10.99 3.00
C GLN B 209 7.12 -9.60 2.83
N LEU B 210 8.16 -9.48 2.00
CA LEU B 210 8.78 -8.17 1.78
C LEU B 210 7.82 -7.23 1.06
N LEU B 211 7.19 -7.71 -0.01
CA LEU B 211 6.38 -6.83 -0.84
C LEU B 211 5.07 -6.45 -0.17
N LEU B 212 4.55 -7.29 0.72
CA LEU B 212 3.32 -6.95 1.43
C LEU B 212 3.55 -5.80 2.41
N ILE B 213 4.77 -5.64 2.91
CA ILE B 213 5.10 -4.50 3.76
C ILE B 213 5.01 -3.20 2.96
N LEU B 214 5.25 -3.25 1.65
CA LEU B 214 5.14 -2.07 0.81
C LEU B 214 3.71 -1.53 0.79
N SER B 215 2.72 -2.39 1.02
CA SER B 215 1.35 -1.90 1.18
C SER B 215 1.21 -1.05 2.44
N HIS B 216 1.85 -1.48 3.54
N HIS B 216 1.85 -1.49 3.53
CA HIS B 216 1.79 -0.69 4.76
CA HIS B 216 1.80 -0.71 4.77
C HIS B 216 2.61 0.58 4.65
C HIS B 216 2.61 0.57 4.66
N ILE B 217 3.73 0.53 3.92
CA ILE B 217 4.51 1.75 3.70
C ILE B 217 3.70 2.77 2.92
N ARG B 218 2.93 2.30 1.94
CA ARG B 218 2.03 3.20 1.23
C ARG B 218 0.98 3.79 2.18
N HIS B 219 0.44 2.97 3.07
CA HIS B 219 -0.56 3.43 4.02
C HIS B 219 0.01 4.51 4.94
N MET B 220 1.22 4.31 5.45
CA MET B 220 1.82 5.29 6.34
C MET B 220 2.09 6.60 5.62
N SER B 221 2.51 6.53 4.35
CA SER B 221 2.76 7.74 3.59
C SER B 221 1.46 8.53 3.39
N ASN B 222 0.36 7.84 3.07
CA ASN B 222 -0.91 8.52 2.92
C ASN B 222 -1.33 9.20 4.21
N LYS B 223 -1.15 8.53 5.35
CA LYS B 223 -1.49 9.17 6.62
C LYS B 223 -0.50 10.29 6.95
N GLY B 224 0.78 10.11 6.60
CA GLY B 224 1.75 11.17 6.83
C GLY B 224 1.47 12.39 5.98
N MET B 225 1.04 12.17 4.73
CA MET B 225 0.77 13.29 3.84
C MET B 225 -0.37 14.16 4.37
N GLU B 226 -1.40 13.54 4.95
CA GLU B 226 -2.47 14.31 5.56
C GLU B 226 -1.96 15.09 6.77
N HIS B 227 -1.03 14.51 7.51
CA HIS B 227 -0.47 15.19 8.68
C HIS B 227 0.34 16.41 8.27
N LEU B 228 1.06 16.32 7.15
CA LEU B 228 1.82 17.47 6.66
C LEU B 228 0.92 18.54 6.06
N TYR B 229 -0.17 18.13 5.41
CA TYR B 229 -1.14 19.10 4.91
C TYR B 229 -1.80 19.84 6.05
N SER B 230 -2.11 19.14 7.14
CA SER B 230 -2.65 19.80 8.33
C SER B 230 -1.65 20.78 8.93
N MET B 231 -0.37 20.39 8.98
CA MET B 231 0.65 21.28 9.50
C MET B 231 0.81 22.51 8.61
N LYS B 232 0.66 22.34 7.30
CA LYS B 232 0.73 23.49 6.39
C LYS B 232 -0.39 24.48 6.67
N CYS B 233 -1.61 23.98 6.87
CA CYS B 233 -2.73 24.88 7.16
C CYS B 233 -2.57 25.58 8.50
N LYS B 234 -1.88 24.94 9.46
CA LYS B 234 -1.62 25.58 10.75
C LYS B 234 -0.66 26.75 10.61
N ASN B 235 0.28 26.66 9.66
CA ASN B 235 1.17 27.74 9.24
C ASN B 235 2.17 28.15 10.32
N VAL B 236 2.33 27.36 11.39
CA VAL B 236 3.34 27.69 12.39
C VAL B 236 4.72 27.21 11.94
N VAL B 237 4.79 26.03 11.35
CA VAL B 237 6.04 25.45 10.88
C VAL B 237 6.29 25.96 9.45
N PRO B 238 7.39 26.66 9.19
CA PRO B 238 7.69 27.13 7.83
C PRO B 238 8.16 25.98 6.96
N LEU B 239 7.44 25.72 5.88
CA LEU B 239 7.81 24.70 4.91
C LEU B 239 8.56 25.32 3.75
N SER B 240 9.60 24.63 3.28
CA SER B 240 10.34 25.10 2.12
C SER B 240 9.46 25.06 0.87
N ASP B 241 9.87 25.82 -0.15
CA ASP B 241 9.14 25.79 -1.41
C ASP B 241 9.18 24.41 -2.05
N LEU B 242 10.26 23.65 -1.83
CA LEU B 242 10.36 22.33 -2.43
C LEU B 242 9.42 21.34 -1.75
N LEU B 243 9.44 21.29 -0.42
CA LEU B 243 8.48 20.45 0.29
C LEU B 243 7.05 20.87 0.00
N LEU B 244 6.83 22.17 -0.19
CA LEU B 244 5.49 22.65 -0.51
C LEU B 244 5.01 22.09 -1.85
N GLU B 245 5.89 22.06 -2.85
CA GLU B 245 5.50 21.52 -4.15
C GLU B 245 5.40 20.01 -4.11
N MET B 246 6.25 19.34 -3.33
CA MET B 246 6.09 17.90 -3.13
C MET B 246 4.77 17.59 -2.45
N LEU B 247 4.37 18.43 -1.48
CA LEU B 247 3.11 18.22 -0.78
C LEU B 247 1.92 18.58 -1.65
N ASP B 248 2.01 19.69 -2.39
N ASP B 248 2.02 19.68 -2.40
CA ASP B 248 0.91 20.10 -3.24
CA ASP B 248 0.92 20.12 -3.25
C ASP B 248 0.61 19.10 -4.35
C ASP B 248 0.62 19.14 -4.38
N ALA B 249 1.59 18.29 -4.74
CA ALA B 249 1.38 17.33 -5.82
C ALA B 249 0.35 16.26 -5.46
N HIS B 250 0.13 16.00 -4.17
CA HIS B 250 -0.85 15.02 -3.73
C HIS B 250 -2.25 15.59 -3.61
N ARG B 251 -2.54 16.71 -4.28
CA ARG B 251 -3.87 17.31 -4.34
C ARG B 251 -4.50 17.52 -2.95
N LYS C 3 -21.23 -2.35 18.80
CA LYS C 3 -20.86 -1.99 17.43
C LYS C 3 -21.45 -3.00 16.44
N ILE C 4 -21.92 -2.50 15.30
CA ILE C 4 -22.64 -3.34 14.35
C ILE C 4 -21.76 -4.45 13.82
N LEU C 5 -20.52 -4.12 13.44
CA LEU C 5 -19.62 -5.12 12.89
C LEU C 5 -19.30 -6.21 13.90
N HIS C 6 -19.22 -5.85 15.18
CA HIS C 6 -18.85 -6.84 16.20
C HIS C 6 -19.90 -7.93 16.33
N ARG C 7 -21.17 -7.55 16.41
CA ARG C 7 -22.22 -8.54 16.62
C ARG C 7 -22.54 -9.35 15.36
N LEU C 8 -22.37 -8.74 14.19
CA LEU C 8 -22.52 -9.52 12.96
C LEU C 8 -21.42 -10.56 12.83
N LEU C 9 -20.23 -10.29 13.37
CA LEU C 9 -19.14 -11.26 13.31
C LEU C 9 -19.39 -12.43 14.25
N GLN C 10 -19.82 -12.15 15.48
CA GLN C 10 -20.14 -13.22 16.43
C GLN C 10 -21.49 -13.88 16.13
N ASP C 11 -22.09 -13.57 14.99
CA ASP C 11 -23.39 -14.12 14.62
C ASP C 11 -23.22 -15.28 13.63
N LYS D 1 4.07 26.41 -14.76
CA LYS D 1 3.96 25.86 -13.41
C LYS D 1 5.33 25.78 -12.77
N HIS D 2 6.33 25.38 -13.55
CA HIS D 2 7.74 25.51 -13.22
C HIS D 2 8.09 24.99 -11.84
N LYS D 3 8.19 23.68 -11.68
CA LYS D 3 8.55 23.10 -10.41
C LYS D 3 10.04 23.18 -10.17
N ILE D 4 10.41 23.23 -8.89
CA ILE D 4 11.82 23.10 -8.50
C ILE D 4 12.35 21.73 -8.90
N LEU D 5 11.49 20.71 -8.84
CA LEU D 5 11.90 19.35 -9.18
C LEU D 5 12.36 19.26 -10.62
N HIS D 6 11.69 19.99 -11.52
CA HIS D 6 12.11 20.03 -12.92
C HIS D 6 13.56 20.46 -13.05
N ARG D 7 13.95 21.53 -12.34
CA ARG D 7 15.32 22.00 -12.40
C ARG D 7 16.28 21.01 -11.77
N LEU D 8 15.94 20.51 -10.57
CA LEU D 8 16.86 19.64 -9.85
C LEU D 8 17.08 18.31 -10.57
N LEU D 9 16.09 17.83 -11.33
CA LEU D 9 16.25 16.58 -12.04
C LEU D 9 17.15 16.71 -13.26
N GLN D 10 17.35 17.92 -13.77
CA GLN D 10 18.28 18.12 -14.87
C GLN D 10 19.72 18.07 -14.38
N ASP D 11 20.03 18.88 -13.35
CA ASP D 11 21.21 18.79 -12.46
C ASP D 11 21.52 20.19 -11.92
#